data_4RSH
#
_entry.id   4RSH
#
_cell.length_a   102.997
_cell.length_b   63.649
_cell.length_c   85.647
_cell.angle_alpha   90.00
_cell.angle_beta   90.00
_cell.angle_gamma   90.00
#
_symmetry.space_group_name_H-M   'P 21 21 21'
#
loop_
_entity.id
_entity.type
_entity.pdbx_description
1 polymer 'Lipolytic protein G-D-S-L family'
2 non-polymer 'CHLORIDE ION'
3 water water
#
_entity_poly.entity_id   1
_entity_poly.type   'polypeptide(L)'
_entity_poly.pdbx_seq_one_letter_code
;SNANTKVVAIGDSFTFGYPGNTENSWPAVLGQTSQIEVVNKGLKSQTAQDLYSRFDADVLAEKPGRVIIFVGNGDAIKEV
PLETFQQHIKA(MSE)VEKAESNHIIPILALPLPYTGVQNTIKEFREWESSYAKEKNILVLDFATVL(MSE)DADNVYLE
GLLSKEANYPSKEGYKL(MSE)GEYASRVLD
;
_entity_poly.pdbx_strand_id   A,B,C
#
# COMPACT_ATOMS: atom_id res chain seq x y z
N ASN A 4 24.59 2.94 8.99
CA ASN A 4 25.24 4.17 9.59
C ASN A 4 25.97 5.02 8.52
N THR A 5 27.24 4.77 8.19
CA THR A 5 27.89 5.48 7.05
C THR A 5 27.67 4.60 5.80
N LYS A 6 27.00 3.48 5.98
CA LYS A 6 26.70 2.57 4.92
C LYS A 6 25.67 3.15 3.94
N VAL A 7 25.94 2.88 2.67
CA VAL A 7 25.09 3.40 1.60
C VAL A 7 24.58 2.36 0.59
N VAL A 8 23.37 2.54 0.14
CA VAL A 8 22.81 1.71 -0.86
C VAL A 8 22.55 2.60 -2.07
N ALA A 9 23.05 2.15 -3.22
CA ALA A 9 22.84 2.89 -4.48
C ALA A 9 21.82 2.06 -5.26
N ILE A 10 20.61 2.56 -5.43
CA ILE A 10 19.60 1.80 -6.14
C ILE A 10 19.30 2.57 -7.43
N GLY A 11 19.36 1.86 -8.55
CA GLY A 11 19.15 2.54 -9.80
C GLY A 11 18.99 1.66 -10.99
N ASP A 12 19.26 2.22 -12.17
CA ASP A 12 19.13 1.51 -13.42
C ASP A 12 20.47 1.14 -14.03
N SER A 13 20.54 1.20 -15.37
CA SER A 13 21.80 0.85 -16.01
C SER A 13 22.92 1.75 -15.58
N PHE A 14 22.60 3.01 -15.30
CA PHE A 14 23.61 3.97 -14.91
C PHE A 14 24.09 3.78 -13.48
N THR A 15 23.55 2.80 -12.79
CA THR A 15 24.04 2.50 -11.46
C THR A 15 24.73 1.16 -11.52
N PHE A 16 24.21 0.26 -12.34
CA PHE A 16 24.84 -1.03 -12.57
C PHE A 16 26.25 -0.77 -13.16
N GLY A 17 26.37 0.21 -14.06
CA GLY A 17 27.67 0.60 -14.63
C GLY A 17 27.81 0.18 -16.06
N TYR A 18 26.69 0.09 -16.73
CA TYR A 18 26.66 -0.32 -18.10
C TYR A 18 27.38 0.73 -18.96
N PRO A 19 28.13 0.28 -20.00
CA PRO A 19 28.34 -1.08 -20.45
C PRO A 19 29.50 -1.77 -19.77
N GLY A 20 30.12 -1.14 -18.78
CA GLY A 20 31.22 -1.84 -18.11
C GLY A 20 30.63 -2.84 -17.13
N ASN A 21 31.45 -3.32 -16.21
CA ASN A 21 30.84 -4.17 -15.22
C ASN A 21 30.67 -3.35 -13.99
N THR A 22 29.65 -3.76 -13.29
CA THR A 22 29.24 -3.22 -12.04
C THR A 22 30.40 -2.93 -11.04
N GLU A 23 31.52 -3.66 -11.14
CA GLU A 23 32.66 -3.45 -10.25
C GLU A 23 33.42 -2.16 -10.46
N ASN A 24 33.27 -1.57 -11.66
CA ASN A 24 33.86 -0.30 -12.03
C ASN A 24 32.80 0.81 -12.03
N SER A 25 31.58 0.50 -11.57
CA SER A 25 30.56 1.52 -11.58
C SER A 25 30.80 2.53 -10.49
N TRP A 26 30.08 3.64 -10.57
CA TRP A 26 30.26 4.73 -9.61
C TRP A 26 30.01 4.38 -8.16
N PRO A 27 29.14 3.40 -7.86
CA PRO A 27 29.00 3.18 -6.42
C PRO A 27 30.25 2.56 -5.83
N ALA A 28 30.94 1.73 -6.60
CA ALA A 28 32.14 1.08 -6.08
C ALA A 28 33.19 2.13 -5.80
N VAL A 29 33.31 3.08 -6.71
CA VAL A 29 34.28 4.16 -6.60
C VAL A 29 33.94 5.05 -5.41
N LEU A 30 32.66 5.33 -5.27
CA LEU A 30 32.19 6.09 -4.13
C LEU A 30 32.77 5.47 -2.88
N GLY A 31 32.55 4.17 -2.73
CA GLY A 31 33.01 3.45 -1.54
C GLY A 31 34.51 3.37 -1.33
N GLN A 32 35.23 3.22 -2.42
CA GLN A 32 36.65 3.17 -2.34
C GLN A 32 37.20 4.50 -1.93
N THR A 33 36.58 5.57 -2.43
CA THR A 33 37.04 6.93 -2.16
C THR A 33 36.70 7.36 -0.76
N SER A 34 35.44 7.18 -0.36
CA SER A 34 35.00 7.57 0.96
C SER A 34 35.30 6.50 2.00
N GLN A 35 35.99 5.44 1.60
CA GLN A 35 36.32 4.41 2.57
C GLN A 35 35.13 4.03 3.46
N ILE A 36 33.99 3.82 2.81
CA ILE A 36 32.74 3.36 3.46
C ILE A 36 32.18 2.21 2.65
N GLU A 37 31.14 1.60 3.19
CA GLU A 37 30.50 0.48 2.53
C GLU A 37 29.35 0.99 1.66
N VAL A 38 29.47 0.73 0.35
CA VAL A 38 28.44 1.08 -0.60
C VAL A 38 27.94 -0.20 -1.26
N VAL A 39 26.64 -0.42 -1.28
CA VAL A 39 26.07 -1.63 -1.92
C VAL A 39 25.40 -1.22 -3.23
N ASN A 40 25.77 -1.88 -4.32
CA ASN A 40 25.24 -1.58 -5.65
C ASN A 40 24.02 -2.42 -6.01
N LYS A 41 22.86 -1.80 -5.97
CA LYS A 41 21.64 -2.43 -6.31
C LYS A 41 21.10 -1.83 -7.59
N GLY A 42 21.97 -1.54 -8.54
CA GLY A 42 21.53 -1.03 -9.83
C GLY A 42 21.29 -2.22 -10.74
N LEU A 43 20.21 -2.19 -11.52
CA LEU A 43 19.92 -3.25 -12.48
C LEU A 43 19.67 -2.58 -13.79
N LYS A 44 20.06 -3.24 -14.86
CA LYS A 44 19.87 -2.64 -16.17
C LYS A 44 18.44 -2.31 -16.55
N SER A 45 18.30 -1.15 -17.20
CA SER A 45 17.05 -0.70 -17.78
C SER A 45 15.84 -0.62 -16.87
N GLN A 46 16.02 -0.54 -15.57
CA GLN A 46 14.85 -0.46 -14.72
C GLN A 46 14.19 0.92 -14.56
N THR A 47 12.90 0.83 -14.36
CA THR A 47 12.06 1.99 -14.14
C THR A 47 11.91 2.17 -12.63
N ALA A 48 11.43 3.35 -12.22
CA ALA A 48 11.24 3.60 -10.77
C ALA A 48 10.26 2.61 -10.20
N GLN A 49 9.27 2.18 -10.99
CA GLN A 49 8.35 1.18 -10.43
C GLN A 49 9.09 -0.14 -10.14
N ASP A 50 10.03 -0.49 -11.01
CA ASP A 50 10.81 -1.72 -10.81
C ASP A 50 11.62 -1.66 -9.55
N LEU A 51 12.20 -0.50 -9.28
CA LEU A 51 13.01 -0.31 -8.10
C LEU A 51 12.12 -0.30 -6.88
N TYR A 52 11.01 0.43 -6.95
CA TYR A 52 10.16 0.49 -5.80
C TYR A 52 9.81 -0.91 -5.30
N SER A 53 9.47 -1.79 -6.23
CA SER A 53 9.08 -3.12 -5.87
C SER A 53 10.10 -3.94 -5.04
N ARG A 54 11.41 -3.72 -5.25
CA ARG A 54 12.41 -4.50 -4.53
C ARG A 54 13.07 -3.67 -3.47
N PHE A 55 12.42 -2.57 -3.15
CA PHE A 55 12.95 -1.61 -2.21
C PHE A 55 13.22 -2.18 -0.80
N ASP A 56 12.39 -3.11 -0.33
CA ASP A 56 12.52 -3.68 1.03
C ASP A 56 13.75 -4.57 1.27
N ALA A 57 14.00 -5.47 0.34
CA ALA A 57 15.15 -6.37 0.43
C ALA A 57 16.42 -5.67 -0.04
N ASP A 58 16.27 -4.80 -1.04
CA ASP A 58 17.45 -4.15 -1.59
C ASP A 58 17.94 -2.99 -0.78
N VAL A 59 17.06 -2.32 -0.05
CA VAL A 59 17.45 -1.16 0.75
C VAL A 59 17.19 -1.34 2.24
N LEU A 60 15.93 -1.50 2.58
CA LEU A 60 15.54 -1.64 3.96
C LEU A 60 16.36 -2.68 4.66
N ALA A 61 16.36 -3.91 4.15
CA ALA A 61 17.10 -4.98 4.79
C ALA A 61 18.63 -4.74 4.91
N GLU A 62 19.19 -3.83 4.14
CA GLU A 62 20.62 -3.57 4.23
C GLU A 62 20.98 -2.68 5.41
N LYS A 63 19.96 -2.04 5.98
CA LYS A 63 20.12 -1.13 7.10
C LYS A 63 21.17 -0.08 6.86
N PRO A 64 21.09 0.61 5.70
CA PRO A 64 22.06 1.65 5.44
C PRO A 64 21.60 2.88 6.14
N GLY A 65 22.44 3.88 6.29
CA GLY A 65 22.04 5.13 6.86
C GLY A 65 21.62 6.10 5.76
N ARG A 66 22.01 5.80 4.52
CA ARG A 66 21.72 6.62 3.36
C ARG A 66 21.38 5.78 2.16
N VAL A 67 20.46 6.27 1.35
CA VAL A 67 20.13 5.60 0.10
C VAL A 67 20.12 6.61 -1.09
N ILE A 68 20.90 6.31 -2.13
CA ILE A 68 20.97 7.13 -3.34
C ILE A 68 20.02 6.50 -4.34
N ILE A 69 19.06 7.29 -4.79
CA ILE A 69 18.04 6.82 -5.72
C ILE A 69 18.31 7.53 -7.03
N PHE A 70 18.88 6.79 -7.98
CA PHE A 70 19.25 7.29 -9.30
C PHE A 70 18.44 6.57 -10.37
N VAL A 71 17.36 7.22 -10.80
CA VAL A 71 16.46 6.57 -11.73
C VAL A 71 15.78 7.61 -12.60
N GLY A 72 15.17 7.16 -13.68
CA GLY A 72 14.51 8.06 -14.65
C GLY A 72 15.00 7.82 -16.08
N ASN A 73 16.25 7.37 -16.23
CA ASN A 73 16.74 7.11 -17.60
C ASN A 73 15.93 6.01 -18.26
N GLY A 74 15.75 4.92 -17.51
CA GLY A 74 14.98 3.77 -17.93
C GLY A 74 13.56 4.16 -18.18
N ASP A 75 13.03 5.02 -17.33
CA ASP A 75 11.65 5.46 -17.48
C ASP A 75 11.41 6.19 -18.79
N ALA A 76 12.35 7.06 -19.15
CA ALA A 76 12.27 7.79 -20.42
C ALA A 76 12.34 6.84 -21.65
N ILE A 77 13.24 5.86 -21.57
CA ILE A 77 13.42 4.88 -22.63
C ILE A 77 12.08 4.15 -22.85
N LYS A 78 11.43 3.79 -21.73
CA LYS A 78 10.14 3.04 -21.76
C LYS A 78 8.87 3.86 -21.64
N GLU A 79 8.97 5.12 -22.05
CA GLU A 79 7.82 6.01 -22.11
C GLU A 79 6.87 6.00 -20.90
N VAL A 80 7.42 5.77 -19.70
CA VAL A 80 6.64 5.82 -18.44
C VAL A 80 6.35 7.33 -18.32
N PRO A 81 5.06 7.72 -18.17
CA PRO A 81 4.71 9.15 -18.10
C PRO A 81 5.21 9.88 -16.83
N LEU A 82 5.26 11.21 -16.89
CA LEU A 82 5.73 11.99 -15.75
C LEU A 82 4.96 11.69 -14.47
N GLU A 83 3.63 11.55 -14.56
CA GLU A 83 2.84 11.23 -13.37
C GLU A 83 3.26 9.92 -12.73
N THR A 84 3.61 8.90 -13.48
CA THR A 84 4.01 7.62 -12.84
C THR A 84 5.40 7.67 -12.14
N PHE A 85 6.35 8.35 -12.80
CA PHE A 85 7.71 8.54 -12.30
C PHE A 85 7.71 9.33 -10.99
N GLN A 86 6.90 10.38 -10.96
CA GLN A 86 6.76 11.20 -9.77
C GLN A 86 6.31 10.33 -8.61
N GLN A 87 5.16 9.70 -8.78
CA GLN A 87 4.61 8.89 -7.71
C GLN A 87 5.59 7.90 -7.17
N HIS A 88 6.38 7.31 -8.05
CA HIS A 88 7.32 6.31 -7.56
C HIS A 88 8.57 6.85 -6.87
N ILE A 89 9.05 8.02 -7.29
CA ILE A 89 10.17 8.69 -6.61
C ILE A 89 9.72 9.03 -5.19
N LYS A 90 8.56 9.69 -5.09
CA LYS A 90 7.97 10.00 -3.83
C LYS A 90 7.88 8.82 -2.90
N ALA A 91 7.35 7.69 -3.38
CA ALA A 91 7.21 6.49 -2.52
C ALA A 91 8.53 6.00 -1.93
N VAL A 93 11.23 7.81 -1.41
CA VAL A 93 11.65 8.77 -0.42
C VAL A 93 10.90 8.58 0.89
N GLU A 94 9.59 8.44 0.82
CA GLU A 94 8.75 8.28 1.98
C GLU A 94 9.06 7.05 2.80
N LYS A 95 9.35 5.93 2.13
CA LYS A 95 9.63 4.70 2.86
C LYS A 95 11.02 4.79 3.51
N ALA A 96 11.99 5.31 2.77
CA ALA A 96 13.30 5.58 3.32
C ALA A 96 13.16 6.38 4.65
N GLU A 97 12.53 7.55 4.54
CA GLU A 97 12.31 8.42 5.69
C GLU A 97 11.53 7.74 6.87
N SER A 98 10.57 6.89 6.52
CA SER A 98 9.79 6.17 7.55
C SER A 98 10.67 5.18 8.31
N ASN A 99 11.73 4.74 7.62
CA ASN A 99 12.73 3.82 8.13
C ASN A 99 13.98 4.47 8.66
N HIS A 100 13.98 5.79 8.71
CA HIS A 100 15.09 6.55 9.28
C HIS A 100 16.35 6.44 8.46
N ILE A 101 16.17 6.39 7.14
CA ILE A 101 17.25 6.31 6.18
C ILE A 101 17.22 7.63 5.42
N ILE A 102 18.37 8.25 5.27
CA ILE A 102 18.46 9.50 4.58
C ILE A 102 18.48 9.24 3.09
N PRO A 103 17.50 9.80 2.38
CA PRO A 103 17.43 9.63 0.96
C PRO A 103 18.18 10.71 0.24
N ILE A 104 18.76 10.37 -0.91
CA ILE A 104 19.53 11.30 -1.79
C ILE A 104 19.11 11.04 -3.23
N LEU A 105 18.72 12.06 -3.95
CA LEU A 105 18.22 11.84 -5.29
C LEU A 105 19.24 12.16 -6.33
N ALA A 106 19.35 11.30 -7.32
CA ALA A 106 20.29 11.48 -8.37
C ALA A 106 19.47 11.79 -9.61
N LEU A 107 19.70 12.93 -10.23
CA LEU A 107 18.84 13.26 -11.37
C LEU A 107 19.10 12.34 -12.55
N PRO A 108 18.08 12.06 -13.34
CA PRO A 108 18.43 11.25 -14.49
C PRO A 108 19.30 12.08 -15.45
N LEU A 109 20.11 11.40 -16.26
CA LEU A 109 21.01 12.09 -17.20
C LEU A 109 20.40 12.43 -18.57
N PRO A 110 20.95 13.47 -19.19
CA PRO A 110 20.58 13.81 -20.55
C PRO A 110 20.88 12.56 -21.37
N TYR A 111 19.98 12.18 -22.27
CA TYR A 111 20.14 10.96 -23.05
C TYR A 111 19.58 11.29 -24.42
N THR A 112 20.35 11.07 -25.48
CA THR A 112 19.94 11.47 -26.84
C THR A 112 18.57 11.03 -27.34
N GLY A 113 18.09 9.86 -26.98
CA GLY A 113 16.76 9.58 -27.51
C GLY A 113 15.59 10.39 -26.95
N VAL A 114 15.75 10.95 -25.76
CA VAL A 114 14.61 11.49 -25.05
C VAL A 114 14.84 12.74 -24.23
N GLN A 115 15.63 13.64 -24.81
CA GLN A 115 16.00 14.89 -24.14
C GLN A 115 14.84 15.70 -23.52
N ASN A 116 13.73 15.87 -24.23
CA ASN A 116 12.60 16.64 -23.72
C ASN A 116 12.03 15.95 -22.47
N THR A 117 11.83 14.63 -22.54
CA THR A 117 11.28 13.89 -21.39
C THR A 117 12.23 13.94 -20.18
N ILE A 118 13.54 13.82 -20.46
CA ILE A 118 14.54 13.86 -19.38
C ILE A 118 14.64 15.24 -18.76
N LYS A 119 14.49 16.26 -19.58
CA LYS A 119 14.55 17.61 -19.05
C LYS A 119 13.39 17.83 -18.08
N GLU A 120 12.26 17.22 -18.43
CA GLU A 120 11.05 17.33 -17.64
C GLU A 120 11.25 16.61 -16.34
N PHE A 121 11.67 15.34 -16.39
CA PHE A 121 11.91 14.58 -15.16
C PHE A 121 12.90 15.29 -14.24
N ARG A 122 14.06 15.67 -14.78
CA ARG A 122 15.08 16.34 -13.98
C ARG A 122 14.61 17.64 -13.30
N GLU A 123 13.88 18.45 -14.06
CA GLU A 123 13.41 19.72 -13.56
C GLU A 123 12.45 19.55 -12.38
N TRP A 124 11.52 18.62 -12.52
CA TRP A 124 10.56 18.31 -11.48
C TRP A 124 11.26 17.72 -10.23
N GLU A 125 12.16 16.77 -10.48
CA GLU A 125 12.90 16.09 -9.43
C GLU A 125 13.75 17.05 -8.62
N SER A 126 14.29 18.08 -9.29
CA SER A 126 15.10 19.08 -8.62
C SER A 126 14.25 19.93 -7.71
N SER A 127 13.03 20.26 -8.14
CA SER A 127 12.17 21.13 -7.35
C SER A 127 11.50 20.35 -6.22
N TYR A 128 11.26 19.08 -6.45
CA TYR A 128 10.70 18.26 -5.41
C TYR A 128 11.77 18.08 -4.31
N ALA A 129 13.02 17.96 -4.71
CA ALA A 129 14.15 17.74 -3.79
C ALA A 129 14.45 19.03 -3.03
N LYS A 130 14.21 20.14 -3.69
CA LYS A 130 14.42 21.40 -3.08
C LYS A 130 13.32 21.70 -2.02
N GLU A 131 12.07 21.32 -2.25
CA GLU A 131 11.06 21.67 -1.29
C GLU A 131 11.04 20.78 -0.08
N LYS A 132 11.85 19.74 -0.12
CA LYS A 132 11.87 18.75 0.90
C LYS A 132 13.25 18.69 1.59
N ASN A 133 14.18 19.54 1.16
CA ASN A 133 15.56 19.52 1.68
C ASN A 133 16.28 18.18 1.56
N ILE A 134 16.17 17.57 0.38
CA ILE A 134 16.80 16.33 0.09
C ILE A 134 18.02 16.56 -0.78
N LEU A 135 19.13 15.93 -0.41
CA LEU A 135 20.37 16.12 -1.15
C LEU A 135 20.29 15.55 -2.58
N VAL A 136 20.75 16.34 -3.58
CA VAL A 136 20.72 15.91 -4.99
C VAL A 136 22.08 15.69 -5.62
N LEU A 137 22.16 14.64 -6.40
CA LEU A 137 23.33 14.35 -7.13
C LEU A 137 23.08 14.63 -8.59
N ASP A 138 23.91 15.48 -9.16
CA ASP A 138 23.81 15.86 -10.54
C ASP A 138 25.05 15.36 -11.27
N PHE A 139 25.04 14.09 -11.65
CA PHE A 139 26.22 13.53 -12.31
C PHE A 139 26.64 14.20 -13.60
N ALA A 140 25.71 14.93 -14.23
CA ALA A 140 26.01 15.64 -15.48
C ALA A 140 27.14 16.68 -15.29
N THR A 141 27.18 17.35 -14.13
CA THR A 141 28.21 18.36 -13.87
C THR A 141 29.64 17.85 -14.00
N VAL A 142 29.88 16.54 -13.87
CA VAL A 142 31.24 16.03 -14.10
C VAL A 142 31.35 15.18 -15.38
N LEU A 143 30.21 14.83 -15.95
CA LEU A 143 30.28 14.00 -17.16
C LEU A 143 30.32 14.76 -18.48
N ASP A 145 29.52 18.62 -21.06
CA ASP A 145 29.64 20.06 -21.31
C ASP A 145 28.25 20.69 -21.41
N ALA A 146 28.22 22.00 -21.62
CA ALA A 146 26.98 22.76 -21.74
C ALA A 146 26.00 22.18 -22.77
N ASP A 147 26.48 21.29 -23.65
CA ASP A 147 25.63 20.73 -24.70
C ASP A 147 25.19 19.31 -24.37
N ASN A 148 25.46 18.85 -23.16
CA ASN A 148 25.10 17.51 -22.78
C ASN A 148 25.90 16.49 -23.54
N VAL A 149 27.14 16.82 -23.87
CA VAL A 149 28.00 15.88 -24.52
C VAL A 149 29.14 15.49 -23.58
N TYR A 150 29.41 14.18 -23.52
CA TYR A 150 30.50 13.67 -22.67
C TYR A 150 31.85 14.28 -22.96
N LEU A 151 32.52 14.63 -21.86
CA LEU A 151 33.86 15.20 -21.87
C LEU A 151 34.89 14.15 -22.36
N GLU A 152 36.08 14.63 -22.67
CA GLU A 152 37.14 13.82 -23.22
C GLU A 152 37.41 12.55 -22.37
N GLY A 153 37.38 11.38 -23.00
CA GLY A 153 37.65 10.07 -22.38
C GLY A 153 36.55 9.48 -21.49
N LEU A 154 35.45 10.21 -21.38
CA LEU A 154 34.35 9.83 -20.50
C LEU A 154 33.24 9.06 -21.15
N LEU A 155 33.18 9.10 -22.47
CA LEU A 155 32.13 8.38 -23.16
C LEU A 155 32.60 6.94 -23.38
N SER A 156 31.75 5.94 -23.08
CA SER A 156 32.08 4.52 -23.30
C SER A 156 32.02 4.24 -24.82
N LYS A 157 32.09 2.96 -25.17
CA LYS A 157 32.06 2.55 -26.58
C LYS A 157 30.62 2.57 -27.13
N GLU A 158 29.67 2.83 -26.26
CA GLU A 158 28.32 2.92 -26.71
C GLU A 158 27.90 4.35 -26.39
N ALA A 159 27.10 4.90 -27.28
CA ALA A 159 26.62 6.25 -27.12
C ALA A 159 25.69 6.26 -25.90
N ASN A 160 25.67 7.41 -25.26
CA ASN A 160 24.84 7.65 -24.09
C ASN A 160 25.34 7.09 -22.78
N TYR A 161 26.33 6.20 -22.80
CA TYR A 161 26.83 5.64 -21.54
C TYR A 161 28.31 5.91 -21.25
N PRO A 162 28.61 6.13 -19.98
CA PRO A 162 29.93 6.47 -19.50
C PRO A 162 30.97 5.39 -19.58
N SER A 163 32.21 5.80 -19.77
CA SER A 163 33.37 4.92 -19.78
C SER A 163 33.70 4.66 -18.31
N LYS A 164 34.68 3.78 -18.08
CA LYS A 164 35.18 3.51 -16.74
C LYS A 164 35.69 4.80 -16.11
N GLU A 165 36.33 5.69 -16.88
CA GLU A 165 36.79 6.96 -16.30
C GLU A 165 35.57 7.84 -15.98
N GLY A 166 34.58 7.84 -16.87
CA GLY A 166 33.39 8.61 -16.61
C GLY A 166 32.80 8.15 -15.29
N TYR A 167 32.72 6.83 -15.09
CA TYR A 167 32.16 6.32 -13.87
C TYR A 167 33.02 6.64 -12.66
N LYS A 168 34.31 6.84 -12.91
CA LYS A 168 35.25 7.11 -11.84
C LYS A 168 35.02 8.49 -11.34
N LEU A 169 34.89 9.43 -12.27
CA LEU A 169 34.63 10.78 -11.87
C LEU A 169 33.23 10.90 -11.26
N GLY A 171 31.83 8.64 -9.37
CA GLY A 171 32.04 8.17 -8.00
C GLY A 171 32.83 9.14 -7.13
N GLU A 172 33.71 9.89 -7.77
CA GLU A 172 34.52 10.84 -7.06
C GLU A 172 33.76 12.10 -6.67
N TYR A 173 32.91 12.52 -7.59
CA TYR A 173 31.97 13.62 -7.37
C TYR A 173 31.06 13.22 -6.20
N ALA A 174 30.48 12.03 -6.22
CA ALA A 174 29.55 11.62 -5.12
C ALA A 174 30.22 11.57 -3.77
N SER A 175 31.49 11.23 -3.77
CA SER A 175 32.25 11.17 -2.52
C SER A 175 32.48 12.58 -1.98
N ARG A 176 32.68 13.55 -2.87
CA ARG A 176 32.87 14.93 -2.40
C ARG A 176 31.54 15.51 -1.90
N VAL A 177 30.47 15.29 -2.65
CA VAL A 177 29.13 15.75 -2.28
C VAL A 177 28.62 15.15 -0.97
N LEU A 178 28.77 13.85 -0.79
CA LEU A 178 28.35 13.18 0.43
C LEU A 178 29.34 13.34 1.53
N ASN B 4 0.40 -12.61 10.67
CA ASN B 4 -0.58 -11.63 11.28
C ASN B 4 -0.30 -10.21 10.79
N THR B 5 -1.01 -9.88 9.71
CA THR B 5 -0.90 -8.57 9.10
C THR B 5 -1.98 -7.65 9.65
N LYS B 6 -2.78 -8.17 10.57
CA LYS B 6 -3.84 -7.35 11.14
C LYS B 6 -3.27 -6.12 11.83
N VAL B 7 -3.93 -4.99 11.62
CA VAL B 7 -3.51 -3.75 12.19
C VAL B 7 -4.63 -3.05 12.91
N VAL B 8 -4.31 -2.45 14.06
CA VAL B 8 -5.23 -1.62 14.79
C VAL B 8 -4.66 -0.22 14.67
N ALA B 9 -5.52 0.72 14.28
CA ALA B 9 -5.16 2.12 14.16
C ALA B 9 -5.88 2.84 15.30
N ILE B 10 -5.10 3.35 16.24
CA ILE B 10 -5.64 4.05 17.40
C ILE B 10 -5.10 5.51 17.38
N GLY B 11 -6.05 6.42 17.56
CA GLY B 11 -5.77 7.83 17.55
C GLY B 11 -6.99 8.68 17.85
N ASP B 12 -6.92 9.91 17.35
CA ASP B 12 -7.92 10.91 17.57
C ASP B 12 -8.76 11.16 16.34
N SER B 13 -9.33 12.39 16.24
CA SER B 13 -10.18 12.80 15.11
C SER B 13 -9.63 12.45 13.76
N PHE B 14 -8.31 12.59 13.60
CA PHE B 14 -7.63 12.31 12.34
C PHE B 14 -7.48 10.82 12.05
N THR B 15 -7.98 9.98 12.95
CA THR B 15 -7.97 8.56 12.69
C THR B 15 -9.44 8.21 12.51
N PHE B 16 -10.31 8.90 13.24
CA PHE B 16 -11.73 8.68 13.10
C PHE B 16 -12.19 9.01 11.71
N GLY B 17 -11.56 10.02 11.11
CA GLY B 17 -11.91 10.48 9.75
C GLY B 17 -12.74 11.73 9.76
N TYR B 18 -12.58 12.55 10.79
CA TYR B 18 -13.34 13.78 10.96
C TYR B 18 -12.82 14.90 10.01
N PRO B 19 -13.73 15.73 9.46
CA PRO B 19 -15.19 15.76 9.63
C PRO B 19 -16.03 14.80 8.74
N GLY B 20 -15.41 13.88 8.01
CA GLY B 20 -16.16 12.94 7.16
C GLY B 20 -16.54 11.69 7.94
N ASN B 21 -17.00 10.64 7.27
CA ASN B 21 -17.39 9.40 8.00
C ASN B 21 -16.27 8.38 8.09
N THR B 22 -16.15 7.68 9.23
CA THR B 22 -15.05 6.71 9.43
C THR B 22 -14.87 5.74 8.29
N GLU B 23 -15.92 5.60 7.50
CA GLU B 23 -15.97 4.80 6.31
C GLU B 23 -14.82 5.01 5.39
N ASN B 24 -14.59 6.28 5.12
CA ASN B 24 -13.58 6.72 4.19
C ASN B 24 -12.34 7.22 4.89
N SER B 25 -12.21 6.97 6.19
CA SER B 25 -11.00 7.43 6.84
C SER B 25 -9.82 6.63 6.31
N TRP B 26 -8.61 7.06 6.67
CA TRP B 26 -7.39 6.42 6.15
C TRP B 26 -7.21 4.97 6.60
N PRO B 27 -7.74 4.58 7.78
CA PRO B 27 -7.50 3.17 8.10
C PRO B 27 -8.21 2.23 7.13
N ALA B 28 -9.46 2.55 6.79
CA ALA B 28 -10.24 1.75 5.82
C ALA B 28 -9.54 1.76 4.47
N VAL B 29 -9.06 2.93 4.05
CA VAL B 29 -8.36 3.05 2.76
C VAL B 29 -7.09 2.14 2.89
N LEU B 30 -6.38 2.26 4.01
CA LEU B 30 -5.23 1.36 4.19
C LEU B 30 -5.63 -0.14 4.06
N GLY B 31 -6.65 -0.56 4.79
CA GLY B 31 -7.08 -1.95 4.76
C GLY B 31 -7.47 -2.36 3.36
N GLN B 32 -8.20 -1.47 2.70
CA GLN B 32 -8.61 -1.69 1.33
C GLN B 32 -7.38 -1.79 0.39
N THR B 33 -6.50 -0.80 0.40
CA THR B 33 -5.34 -0.87 -0.50
C THR B 33 -4.35 -2.01 -0.27
N SER B 34 -4.05 -2.35 0.97
CA SER B 34 -3.12 -3.44 1.19
C SER B 34 -3.80 -4.80 1.31
N GLN B 35 -5.12 -4.85 1.24
CA GLN B 35 -5.77 -6.13 1.48
C GLN B 35 -5.37 -6.77 2.81
N ILE B 36 -5.57 -6.00 3.88
CA ILE B 36 -5.30 -6.44 5.25
C ILE B 36 -6.37 -5.86 6.14
N GLU B 37 -6.57 -6.46 7.29
CA GLU B 37 -7.60 -6.01 8.21
C GLU B 37 -7.10 -4.95 9.17
N VAL B 38 -7.73 -3.78 9.08
CA VAL B 38 -7.40 -2.61 9.88
C VAL B 38 -8.61 -2.23 10.71
N VAL B 39 -8.39 -2.16 12.01
CA VAL B 39 -9.45 -1.80 12.88
C VAL B 39 -9.28 -0.32 13.24
N ASN B 40 -10.30 0.48 12.94
CA ASN B 40 -10.26 1.90 13.25
C ASN B 40 -10.71 2.09 14.68
N LYS B 41 -9.78 2.43 15.54
CA LYS B 41 -10.06 2.70 16.94
C LYS B 41 -9.80 4.17 17.22
N GLY B 42 -10.13 5.01 16.27
CA GLY B 42 -9.97 6.40 16.48
C GLY B 42 -11.26 6.93 17.08
N LEU B 43 -11.14 7.96 17.91
CA LEU B 43 -12.27 8.64 18.54
C LEU B 43 -11.93 10.12 18.65
N LYS B 44 -12.92 10.95 18.33
CA LYS B 44 -12.74 12.40 18.30
C LYS B 44 -12.19 13.08 19.55
N SER B 45 -11.24 14.00 19.34
CA SER B 45 -10.66 14.79 20.41
C SER B 45 -10.16 14.00 21.59
N GLN B 46 -9.25 13.08 21.35
CA GLN B 46 -8.66 12.34 22.44
C GLN B 46 -7.18 12.66 22.59
N THR B 47 -6.73 12.65 23.84
CA THR B 47 -5.34 12.91 24.13
C THR B 47 -4.66 11.57 24.22
N ALA B 48 -3.34 11.57 24.42
CA ALA B 48 -2.57 10.33 24.53
C ALA B 48 -3.04 9.56 25.76
N GLN B 49 -3.32 10.26 26.83
CA GLN B 49 -3.76 9.61 28.03
C GLN B 49 -5.10 8.91 27.81
N ASP B 50 -5.96 9.46 26.95
CA ASP B 50 -7.24 8.81 26.69
C ASP B 50 -7.00 7.48 25.99
N LEU B 51 -6.13 7.52 25.00
CA LEU B 51 -5.74 6.33 24.26
C LEU B 51 -5.15 5.30 25.18
N TYR B 52 -4.34 5.74 26.13
CA TYR B 52 -3.67 4.81 27.03
C TYR B 52 -4.66 4.01 27.83
N SER B 53 -5.59 4.72 28.44
CA SER B 53 -6.64 4.14 29.21
C SER B 53 -7.45 3.09 28.46
N ARG B 54 -7.62 3.19 27.14
CA ARG B 54 -8.39 2.16 26.42
C ARG B 54 -7.51 1.24 25.58
N PHE B 55 -6.23 1.28 25.84
CA PHE B 55 -5.26 0.49 25.07
C PHE B 55 -5.54 -1.00 25.14
N ASP B 56 -5.87 -1.50 26.33
CA ASP B 56 -6.16 -2.95 26.49
C ASP B 56 -7.37 -3.42 25.71
N ALA B 57 -8.43 -2.62 25.68
CA ALA B 57 -9.67 -3.04 25.00
C ALA B 57 -9.59 -2.86 23.50
N ASP B 58 -9.00 -1.74 23.14
CA ASP B 58 -8.88 -1.35 21.77
C ASP B 58 -7.73 -1.90 20.97
N VAL B 59 -6.60 -2.16 21.60
CA VAL B 59 -5.46 -2.70 20.88
C VAL B 59 -5.12 -4.14 21.27
N LEU B 60 -4.93 -4.41 22.55
CA LEU B 60 -4.50 -5.73 22.94
C LEU B 60 -5.49 -6.82 22.70
N ALA B 61 -6.77 -6.55 22.92
CA ALA B 61 -7.80 -7.58 22.76
C ALA B 61 -8.01 -7.94 21.31
N GLU B 62 -7.80 -7.00 20.41
CA GLU B 62 -7.89 -7.25 18.98
C GLU B 62 -6.78 -8.18 18.46
N LYS B 63 -5.69 -8.34 19.20
CA LYS B 63 -4.62 -9.25 18.78
C LYS B 63 -4.03 -8.91 17.43
N PRO B 64 -3.69 -7.66 17.19
CA PRO B 64 -3.14 -7.30 15.93
C PRO B 64 -1.65 -7.54 15.88
N GLY B 65 -1.06 -7.58 14.69
CA GLY B 65 0.38 -7.75 14.58
C GLY B 65 1.09 -6.42 14.67
N ARG B 66 0.37 -5.36 14.33
CA ARG B 66 0.91 -4.04 14.36
C ARG B 66 -0.13 -3.05 14.85
N VAL B 67 0.34 -2.03 15.55
CA VAL B 67 -0.55 -0.97 15.95
C VAL B 67 0.06 0.35 15.55
N ILE B 68 -0.74 1.16 14.87
CA ILE B 68 -0.39 2.51 14.50
C ILE B 68 -1.01 3.44 15.58
N ILE B 69 -0.15 4.27 16.20
CA ILE B 69 -0.50 5.25 17.25
C ILE B 69 -0.34 6.67 16.66
N PHE B 70 -1.48 7.36 16.53
CA PHE B 70 -1.59 8.65 15.88
C PHE B 70 -2.35 9.57 16.80
N VAL B 71 -1.56 10.33 17.56
CA VAL B 71 -2.04 11.21 18.57
C VAL B 71 -1.10 12.41 18.76
N GLY B 72 -1.66 13.46 19.35
CA GLY B 72 -0.90 14.66 19.61
C GLY B 72 -1.65 15.93 19.31
N ASN B 73 -2.53 15.85 18.32
CA ASN B 73 -3.35 17.00 17.90
C ASN B 73 -4.41 17.36 18.94
N GLY B 74 -4.87 16.38 19.74
CA GLY B 74 -5.86 16.60 20.83
C GLY B 74 -5.13 17.18 22.01
N ASP B 75 -3.98 16.61 22.30
CA ASP B 75 -3.13 17.03 23.41
C ASP B 75 -2.71 18.49 23.29
N ALA B 76 -2.38 18.86 22.05
CA ALA B 76 -1.93 20.21 21.71
C ALA B 76 -3.06 21.16 21.97
N ILE B 77 -4.26 20.77 21.55
CA ILE B 77 -5.47 21.59 21.77
C ILE B 77 -5.71 21.76 23.28
N LYS B 78 -5.61 20.70 24.04
CA LYS B 78 -5.87 20.78 25.48
C LYS B 78 -4.63 21.16 26.30
N GLU B 79 -3.57 21.60 25.64
CA GLU B 79 -2.35 22.02 26.31
C GLU B 79 -1.69 20.97 27.21
N VAL B 80 -1.67 19.73 26.75
CA VAL B 80 -1.02 18.68 27.51
C VAL B 80 0.50 18.88 27.46
N PRO B 81 1.17 18.93 28.64
CA PRO B 81 2.63 19.12 28.64
C PRO B 81 3.34 18.06 27.87
N LEU B 82 4.47 18.42 27.31
CA LEU B 82 5.33 17.54 26.55
C LEU B 82 5.65 16.29 27.35
N GLU B 83 5.99 16.50 28.62
CA GLU B 83 6.38 15.44 29.52
C GLU B 83 5.28 14.43 29.74
N THR B 84 4.02 14.87 29.82
CA THR B 84 2.88 13.95 29.97
C THR B 84 2.73 13.14 28.65
N PHE B 85 2.63 13.86 27.54
CA PHE B 85 2.53 13.26 26.20
C PHE B 85 3.61 12.19 26.02
N GLN B 86 4.86 12.52 26.32
CA GLN B 86 5.90 11.52 26.21
C GLN B 86 5.52 10.32 27.04
N GLN B 87 5.04 10.56 28.25
CA GLN B 87 4.72 9.42 29.11
C GLN B 87 3.78 8.45 28.53
N HIS B 88 2.72 8.97 27.91
CA HIS B 88 1.67 8.12 27.38
C HIS B 88 2.09 7.43 26.10
N ILE B 89 2.85 8.14 25.29
CA ILE B 89 3.36 7.55 24.09
C ILE B 89 4.26 6.36 24.47
N LYS B 90 5.19 6.61 25.38
CA LYS B 90 6.18 5.64 25.85
C LYS B 90 5.50 4.40 26.41
N ALA B 91 4.52 4.64 27.28
CA ALA B 91 3.79 3.52 27.90
C ALA B 91 3.01 2.74 26.83
N VAL B 93 3.89 2.39 23.67
CA VAL B 93 4.91 1.62 22.97
C VAL B 93 5.40 0.41 23.79
N GLU B 94 5.67 0.63 25.08
CA GLU B 94 6.12 -0.50 25.94
C GLU B 94 5.14 -1.66 26.02
N LYS B 95 3.89 -1.31 26.32
CA LYS B 95 2.74 -2.21 26.40
C LYS B 95 2.67 -3.05 25.11
N ALA B 96 2.69 -2.36 23.98
CA ALA B 96 2.69 -3.03 22.70
C ALA B 96 3.88 -3.97 22.55
N GLU B 97 5.07 -3.45 22.73
CA GLU B 97 6.26 -4.28 22.59
C GLU B 97 6.29 -5.48 23.50
N SER B 98 5.74 -5.34 24.72
CA SER B 98 5.73 -6.42 25.69
C SER B 98 4.84 -7.54 25.23
N ASN B 99 3.87 -7.19 24.36
CA ASN B 99 2.91 -8.14 23.79
C ASN B 99 3.18 -8.50 22.37
N HIS B 100 4.36 -8.17 21.88
CA HIS B 100 4.79 -8.45 20.50
C HIS B 100 3.94 -7.84 19.40
N ILE B 101 3.36 -6.69 19.67
CA ILE B 101 2.63 -5.97 18.65
C ILE B 101 3.66 -4.91 18.22
N ILE B 102 3.86 -4.78 16.90
CA ILE B 102 4.84 -3.83 16.40
C ILE B 102 4.21 -2.46 16.35
N PRO B 103 4.77 -1.49 17.12
CA PRO B 103 4.30 -0.13 17.14
C PRO B 103 4.81 0.73 15.98
N ILE B 104 3.94 1.59 15.47
CA ILE B 104 4.26 2.50 14.39
C ILE B 104 3.75 3.84 14.85
N LEU B 105 4.62 4.84 14.91
CA LEU B 105 4.21 6.12 15.39
C LEU B 105 3.92 7.02 14.24
N ALA B 106 2.73 7.60 14.24
CA ALA B 106 2.35 8.54 13.22
C ALA B 106 2.38 9.92 13.90
N LEU B 107 3.27 10.77 13.40
CA LEU B 107 3.45 12.12 13.94
C LEU B 107 2.18 12.94 13.93
N PRO B 108 1.92 13.65 15.03
CA PRO B 108 0.74 14.50 14.96
C PRO B 108 0.94 15.59 13.86
N LEU B 109 -0.18 16.15 13.41
CA LEU B 109 -0.15 17.13 12.33
C LEU B 109 -0.04 18.61 12.68
N PRO B 110 0.54 19.40 11.77
CA PRO B 110 0.52 20.84 11.96
C PRO B 110 -0.95 21.22 12.12
N TYR B 111 -1.23 22.25 12.89
CA TYR B 111 -2.60 22.63 13.20
C TYR B 111 -2.45 24.06 13.60
N THR B 112 -3.22 24.94 12.97
CA THR B 112 -3.00 26.40 13.10
C THR B 112 -2.79 27.18 14.37
N GLY B 113 -3.39 26.84 15.50
CA GLY B 113 -3.11 27.73 16.65
C GLY B 113 -2.02 27.18 17.57
N VAL B 114 -1.71 25.89 17.38
CA VAL B 114 -0.74 25.21 18.23
C VAL B 114 0.51 24.75 17.49
N GLN B 115 0.95 25.49 16.48
CA GLN B 115 2.12 25.04 15.76
C GLN B 115 3.35 24.79 16.63
N ASN B 116 3.57 25.60 17.65
CA ASN B 116 4.74 25.35 18.47
C ASN B 116 4.68 24.04 19.24
N THR B 117 3.55 23.86 19.91
CA THR B 117 3.31 22.68 20.70
C THR B 117 3.43 21.43 19.83
N ILE B 118 2.82 21.45 18.64
CA ILE B 118 2.92 20.32 17.69
C ILE B 118 4.35 20.08 17.19
N LYS B 119 5.11 21.14 17.00
CA LYS B 119 6.45 20.94 16.54
C LYS B 119 7.28 20.26 17.60
N GLU B 120 7.02 20.58 18.85
CA GLU B 120 7.78 19.98 19.94
C GLU B 120 7.40 18.55 20.03
N PHE B 121 6.11 18.30 19.92
CA PHE B 121 5.64 16.93 19.95
C PHE B 121 6.27 16.13 18.81
N ARG B 122 6.13 16.59 17.57
CA ARG B 122 6.72 15.92 16.41
C ARG B 122 8.21 15.73 16.52
N GLU B 123 8.92 16.76 16.97
CA GLU B 123 10.36 16.71 17.09
C GLU B 123 10.82 15.59 18.02
N TRP B 124 10.27 15.56 19.23
CA TRP B 124 10.62 14.52 20.21
C TRP B 124 10.22 13.09 19.74
N GLU B 125 8.98 12.96 19.26
CA GLU B 125 8.45 11.67 18.81
C GLU B 125 9.38 11.06 17.74
N SER B 126 9.93 11.88 16.84
CA SER B 126 10.84 11.38 15.80
C SER B 126 12.18 10.86 16.34
N SER B 127 12.71 11.51 17.37
CA SER B 127 14.00 11.07 17.95
C SER B 127 13.79 9.81 18.79
N TYR B 128 12.62 9.74 19.40
CA TYR B 128 12.27 8.54 20.17
C TYR B 128 12.18 7.40 19.14
N ALA B 129 11.42 7.57 18.06
CA ALA B 129 11.27 6.49 17.01
C ALA B 129 12.56 6.08 16.36
N LYS B 130 13.39 7.07 16.07
CA LYS B 130 14.67 6.80 15.44
C LYS B 130 15.52 5.97 16.37
N GLU B 131 15.58 6.36 17.63
CA GLU B 131 16.37 5.67 18.67
C GLU B 131 15.82 4.26 18.96
N LYS B 132 14.50 4.10 18.90
CA LYS B 132 13.88 2.80 19.09
C LYS B 132 13.69 2.02 17.78
N ASN B 133 14.09 2.56 16.62
CA ASN B 133 13.91 1.83 15.35
C ASN B 133 12.44 1.47 15.10
N ILE B 134 11.60 2.47 15.26
CA ILE B 134 10.16 2.33 15.09
C ILE B 134 9.76 3.09 13.86
N LEU B 135 8.99 2.44 13.00
CA LEU B 135 8.52 3.02 11.78
C LEU B 135 7.70 4.26 12.12
N VAL B 136 7.96 5.34 11.40
CA VAL B 136 7.24 6.55 11.56
C VAL B 136 6.47 6.92 10.30
N LEU B 137 5.21 7.27 10.48
CA LEU B 137 4.33 7.77 9.43
C LEU B 137 4.22 9.28 9.60
N ASP B 138 4.39 10.00 8.51
CA ASP B 138 4.32 11.47 8.53
C ASP B 138 3.29 11.86 7.51
N PHE B 139 2.02 11.87 7.93
CA PHE B 139 0.93 12.15 7.02
C PHE B 139 1.02 13.52 6.40
N ALA B 140 1.62 14.46 7.12
CA ALA B 140 1.78 15.81 6.58
C ALA B 140 2.44 15.81 5.25
N THR B 141 3.42 14.93 5.02
CA THR B 141 4.16 14.97 3.73
C THR B 141 3.25 14.74 2.51
N VAL B 142 2.13 14.04 2.64
CA VAL B 142 1.25 13.86 1.48
C VAL B 142 0.05 14.81 1.47
N LEU B 143 -0.15 15.60 2.54
CA LEU B 143 -1.29 16.53 2.66
C LEU B 143 -1.00 18.02 2.54
N ASP B 145 2.14 21.38 2.05
CA ASP B 145 3.39 21.81 1.46
C ASP B 145 4.32 22.14 2.63
N ALA B 146 5.50 22.67 2.36
CA ALA B 146 6.47 22.95 3.43
C ALA B 146 6.02 24.06 4.36
N ASP B 147 5.08 24.90 3.93
CA ASP B 147 4.50 25.98 4.77
C ASP B 147 3.30 25.46 5.60
N ASN B 148 3.02 24.17 5.52
CA ASN B 148 1.92 23.56 6.27
C ASN B 148 0.52 24.05 5.93
N VAL B 149 0.30 24.22 4.65
CA VAL B 149 -1.01 24.56 4.14
C VAL B 149 -1.41 23.33 3.28
N TYR B 150 -2.66 22.93 3.36
CA TYR B 150 -3.14 21.78 2.63
C TYR B 150 -3.09 21.92 1.12
N LEU B 151 -2.61 20.89 0.45
CA LEU B 151 -2.54 20.91 -1.02
C LEU B 151 -3.95 20.96 -1.62
N GLU B 152 -4.06 21.32 -2.89
CA GLU B 152 -5.36 21.51 -3.52
C GLU B 152 -6.32 20.33 -3.34
N GLY B 153 -7.53 20.62 -2.88
CA GLY B 153 -8.56 19.60 -2.68
C GLY B 153 -8.38 18.59 -1.57
N LEU B 154 -7.29 18.68 -0.81
CA LEU B 154 -7.06 17.75 0.30
C LEU B 154 -7.60 18.30 1.60
N LEU B 155 -8.13 19.52 1.61
CA LEU B 155 -8.67 20.10 2.83
C LEU B 155 -10.16 19.99 2.83
N SER B 156 -10.73 19.59 3.97
CA SER B 156 -12.18 19.46 4.12
C SER B 156 -12.78 20.85 4.09
N LYS B 157 -14.05 20.95 4.40
CA LYS B 157 -14.69 22.22 4.48
C LYS B 157 -14.51 22.76 5.89
N GLU B 158 -13.62 22.13 6.69
CA GLU B 158 -13.31 22.60 8.03
C GLU B 158 -11.83 22.81 8.17
N ALA B 159 -11.42 24.01 8.52
CA ALA B 159 -10.00 24.27 8.61
C ALA B 159 -9.31 23.27 9.53
N ASN B 160 -8.13 22.86 9.10
CA ASN B 160 -7.27 21.93 9.82
C ASN B 160 -7.62 20.46 9.61
N TYR B 161 -8.75 20.15 8.97
CA TYR B 161 -9.12 18.74 8.78
C TYR B 161 -9.19 18.34 7.33
N PRO B 162 -8.67 17.14 7.04
CA PRO B 162 -8.61 16.68 5.66
C PRO B 162 -9.93 16.25 5.06
N SER B 163 -10.04 16.49 3.75
CA SER B 163 -11.20 16.07 2.98
C SER B 163 -11.10 14.55 2.74
N LYS B 164 -12.08 14.04 2.01
CA LYS B 164 -12.15 12.63 1.61
C LYS B 164 -11.05 12.24 0.63
N GLU B 165 -10.43 13.22 -0.02
CA GLU B 165 -9.31 12.93 -0.91
C GLU B 165 -8.07 12.96 -0.04
N GLY B 166 -8.07 13.81 0.98
CA GLY B 166 -6.96 13.84 1.90
C GLY B 166 -6.84 12.50 2.61
N TYR B 167 -7.87 12.04 3.28
CA TYR B 167 -7.76 10.76 3.93
C TYR B 167 -7.43 9.63 2.95
N LYS B 168 -7.82 9.77 1.69
CA LYS B 168 -7.54 8.72 0.68
C LYS B 168 -6.03 8.62 0.43
N LEU B 169 -5.38 9.76 0.28
CA LEU B 169 -3.95 9.76 0.00
C LEU B 169 -3.17 9.29 1.21
N GLY B 171 -4.27 7.19 3.43
CA GLY B 171 -4.38 5.72 3.50
C GLY B 171 -3.49 5.01 2.47
N GLU B 172 -3.27 5.64 1.33
CA GLU B 172 -2.44 5.06 0.31
C GLU B 172 -1.02 5.21 0.74
N TYR B 173 -0.69 6.38 1.26
CA TYR B 173 0.65 6.60 1.80
C TYR B 173 0.94 5.49 2.84
N ALA B 174 0.01 5.28 3.77
CA ALA B 174 0.20 4.26 4.81
C ALA B 174 0.30 2.85 4.24
N SER B 175 -0.45 2.58 3.17
CA SER B 175 -0.37 1.27 2.56
C SER B 175 1.05 0.96 2.09
N ARG B 176 1.69 1.97 1.50
CA ARG B 176 3.04 1.81 0.95
C ARG B 176 4.13 1.67 1.99
N VAL B 177 4.15 2.58 2.97
CA VAL B 177 5.13 2.51 4.04
C VAL B 177 5.04 1.13 4.69
N LEU B 178 3.83 0.69 5.00
CA LEU B 178 3.63 -0.60 5.64
C LEU B 178 3.86 -1.73 4.67
N ASN C 4 -14.90 -15.06 -23.70
CA ASN C 4 -15.47 -16.36 -24.25
C ASN C 4 -15.49 -17.43 -23.15
N THR C 5 -14.40 -18.16 -22.91
CA THR C 5 -14.43 -19.11 -21.79
C THR C 5 -14.00 -18.46 -20.51
N LYS C 6 -13.41 -17.27 -20.62
CA LYS C 6 -12.91 -16.49 -19.48
C LYS C 6 -13.97 -16.23 -18.40
N VAL C 7 -13.53 -16.25 -17.14
CA VAL C 7 -14.44 -16.03 -16.03
C VAL C 7 -13.83 -15.07 -15.04
N VAL C 8 -14.63 -14.17 -14.51
CA VAL C 8 -14.16 -13.31 -13.46
C VAL C 8 -14.87 -13.76 -12.21
N ALA C 9 -14.17 -13.92 -11.10
CA ALA C 9 -14.81 -14.25 -9.81
C ALA C 9 -14.79 -13.02 -8.94
N ILE C 10 -15.91 -12.33 -8.85
CA ILE C 10 -15.97 -11.14 -8.06
C ILE C 10 -16.57 -11.51 -6.71
N GLY C 11 -15.93 -11.08 -5.64
CA GLY C 11 -16.37 -11.46 -4.33
C GLY C 11 -15.61 -10.82 -3.19
N ASP C 12 -15.68 -11.49 -2.05
CA ASP C 12 -15.11 -11.01 -0.82
C ASP C 12 -14.02 -11.92 -0.31
N SER C 13 -13.88 -12.02 1.01
CA SER C 13 -12.82 -12.84 1.59
C SER C 13 -12.92 -14.28 1.16
N PHE C 14 -14.13 -14.72 0.84
CA PHE C 14 -14.31 -16.10 0.40
C PHE C 14 -13.95 -16.33 -1.05
N THR C 15 -13.63 -15.25 -1.75
CA THR C 15 -13.13 -15.35 -3.12
C THR C 15 -11.62 -15.03 -3.10
N PHE C 16 -11.22 -14.09 -2.25
CA PHE C 16 -9.80 -13.79 -2.09
C PHE C 16 -9.11 -15.07 -1.65
N GLY C 17 -9.73 -15.81 -0.75
CA GLY C 17 -9.15 -17.07 -0.31
C GLY C 17 -8.64 -16.99 1.10
N TYR C 18 -9.16 -16.05 1.87
CA TYR C 18 -8.78 -15.90 3.25
C TYR C 18 -9.00 -17.17 4.06
N PRO C 19 -8.10 -17.48 5.02
CA PRO C 19 -6.87 -16.81 5.44
C PRO C 19 -5.67 -17.02 4.51
N GLY C 20 -5.82 -17.82 3.47
CA GLY C 20 -4.78 -17.94 2.49
C GLY C 20 -4.92 -16.75 1.56
N ASN C 21 -4.56 -16.94 0.31
CA ASN C 21 -4.59 -15.88 -0.68
C ASN C 21 -5.02 -16.36 -2.03
N THR C 22 -5.17 -15.42 -2.95
CA THR C 22 -5.71 -15.74 -4.27
C THR C 22 -5.13 -16.97 -4.93
N GLU C 23 -3.85 -17.20 -4.79
CA GLU C 23 -3.18 -18.35 -5.45
C GLU C 23 -3.76 -19.69 -5.15
N ASN C 24 -4.24 -19.89 -3.94
CA ASN C 24 -4.82 -21.15 -3.52
C ASN C 24 -6.32 -21.10 -3.37
N SER C 25 -6.94 -20.01 -3.75
CA SER C 25 -8.39 -19.88 -3.63
C SER C 25 -9.10 -20.66 -4.74
N TRP C 26 -10.41 -20.83 -4.58
CA TRP C 26 -11.19 -21.64 -5.50
C TRP C 26 -11.23 -21.12 -6.95
N PRO C 27 -11.18 -19.79 -7.14
CA PRO C 27 -11.14 -19.40 -8.57
C PRO C 27 -9.85 -19.92 -9.27
N ALA C 28 -8.71 -19.81 -8.64
CA ALA C 28 -7.51 -20.31 -9.28
C ALA C 28 -7.69 -21.80 -9.59
N VAL C 29 -8.21 -22.56 -8.63
CA VAL C 29 -8.42 -24.00 -8.81
C VAL C 29 -9.49 -24.29 -9.86
N LEU C 30 -10.47 -23.42 -9.99
CA LEU C 30 -11.50 -23.58 -11.02
C LEU C 30 -10.80 -23.58 -12.35
N GLY C 31 -9.87 -22.62 -12.49
CA GLY C 31 -9.08 -22.44 -13.74
C GLY C 31 -8.18 -23.59 -14.13
N GLN C 32 -7.48 -24.12 -13.15
CA GLN C 32 -6.55 -25.23 -13.32
C GLN C 32 -7.33 -26.48 -13.71
N THR C 33 -8.48 -26.72 -13.07
CA THR C 33 -9.30 -27.92 -13.33
C THR C 33 -10.03 -27.88 -14.65
N SER C 34 -10.61 -26.72 -14.98
CA SER C 34 -11.33 -26.53 -16.26
C SER C 34 -10.39 -26.16 -17.38
N GLN C 35 -9.23 -25.60 -17.08
CA GLN C 35 -8.33 -25.21 -18.15
C GLN C 35 -8.84 -23.97 -18.88
N ILE C 36 -9.31 -23.00 -18.12
CA ILE C 36 -9.84 -21.71 -18.64
C ILE C 36 -9.23 -20.60 -17.84
N GLU C 37 -9.29 -19.39 -18.34
CA GLU C 37 -8.73 -18.27 -17.65
C GLU C 37 -9.73 -17.81 -16.61
N VAL C 38 -9.30 -17.75 -15.35
CA VAL C 38 -10.13 -17.29 -14.27
C VAL C 38 -9.42 -16.13 -13.59
N VAL C 39 -10.08 -14.98 -13.49
CA VAL C 39 -9.47 -13.84 -12.84
C VAL C 39 -10.13 -13.64 -11.53
N ASN C 40 -9.33 -13.61 -10.47
CA ASN C 40 -9.83 -13.40 -9.14
C ASN C 40 -9.96 -11.93 -8.73
N LYS C 41 -11.19 -11.51 -8.49
CA LYS C 41 -11.48 -10.15 -8.07
C LYS C 41 -12.08 -10.19 -6.66
N GLY C 42 -11.60 -11.12 -5.86
CA GLY C 42 -12.02 -11.16 -4.47
C GLY C 42 -11.24 -10.09 -3.68
N LEU C 43 -12.00 -9.26 -2.96
CA LEU C 43 -11.44 -8.24 -2.09
C LEU C 43 -12.00 -8.54 -0.74
N LYS C 44 -11.14 -8.60 0.28
CA LYS C 44 -11.59 -8.95 1.64
C LYS C 44 -12.63 -8.04 2.25
N SER C 45 -13.55 -8.71 2.94
CA SER C 45 -14.63 -8.10 3.72
C SER C 45 -15.62 -7.25 3.00
N GLN C 46 -15.68 -7.32 1.68
CA GLN C 46 -16.65 -6.46 1.00
C GLN C 46 -18.09 -6.88 1.04
N THR C 47 -18.96 -5.87 0.88
CA THR C 47 -20.39 -6.05 0.79
C THR C 47 -20.78 -5.96 -0.70
N ALA C 48 -21.99 -6.36 -1.04
CA ALA C 48 -22.42 -6.25 -2.45
C ALA C 48 -22.28 -4.83 -2.96
N GLN C 49 -22.52 -3.85 -2.10
CA GLN C 49 -22.42 -2.48 -2.55
C GLN C 49 -21.01 -2.11 -3.04
N ASP C 50 -19.98 -2.64 -2.38
CA ASP C 50 -18.59 -2.37 -2.79
C ASP C 50 -18.25 -3.07 -4.10
N LEU C 51 -18.85 -4.24 -4.30
CA LEU C 51 -18.64 -4.98 -5.54
C LEU C 51 -19.28 -4.21 -6.70
N TYR C 52 -20.52 -3.80 -6.48
CA TYR C 52 -21.22 -3.08 -7.48
C TYR C 52 -20.41 -1.86 -7.91
N SER C 53 -19.82 -1.17 -6.98
CA SER C 53 -19.05 0.04 -7.33
C SER C 53 -17.86 -0.18 -8.27
N ARG C 54 -17.20 -1.33 -8.20
CA ARG C 54 -16.05 -1.60 -9.05
C ARG C 54 -16.40 -2.61 -10.12
N PHE C 55 -17.69 -2.78 -10.35
CA PHE C 55 -18.08 -3.79 -11.30
C PHE C 55 -17.55 -3.52 -12.72
N ASP C 56 -17.54 -2.28 -13.15
CA ASP C 56 -17.08 -1.94 -14.48
C ASP C 56 -15.57 -2.18 -14.68
N ALA C 57 -14.82 -1.85 -13.64
CA ALA C 57 -13.39 -1.93 -13.67
C ALA C 57 -12.92 -3.35 -13.48
N ASP C 58 -13.52 -4.04 -12.52
CA ASP C 58 -13.11 -5.42 -12.23
C ASP C 58 -13.75 -6.51 -13.06
N VAL C 59 -14.92 -6.27 -13.65
CA VAL C 59 -15.59 -7.29 -14.46
C VAL C 59 -15.72 -6.87 -15.90
N LEU C 60 -16.45 -5.80 -16.15
CA LEU C 60 -16.62 -5.36 -17.55
C LEU C 60 -15.34 -5.21 -18.33
N ALA C 61 -14.35 -4.57 -17.71
CA ALA C 61 -13.06 -4.32 -18.38
C ALA C 61 -12.36 -5.62 -18.77
N GLU C 62 -12.59 -6.67 -18.01
CA GLU C 62 -11.98 -7.95 -18.25
C GLU C 62 -12.60 -8.74 -19.40
N LYS C 63 -13.70 -8.24 -19.99
CA LYS C 63 -14.37 -8.95 -21.09
C LYS C 63 -14.54 -10.45 -20.90
N PRO C 64 -15.07 -10.89 -19.74
CA PRO C 64 -15.21 -12.34 -19.60
C PRO C 64 -16.49 -12.81 -20.24
N GLY C 65 -16.63 -14.12 -20.37
CA GLY C 65 -17.85 -14.66 -20.92
C GLY C 65 -18.79 -14.98 -19.76
N ARG C 66 -18.26 -15.04 -18.54
CA ARG C 66 -19.07 -15.41 -17.35
C ARG C 66 -18.57 -14.72 -16.10
N VAL C 67 -19.48 -14.38 -15.21
CA VAL C 67 -19.05 -13.79 -14.01
C VAL C 67 -19.72 -14.51 -12.84
N ILE C 68 -18.91 -14.92 -11.88
CA ILE C 68 -19.39 -15.53 -10.66
C ILE C 68 -19.45 -14.45 -9.58
N ILE C 69 -20.65 -14.22 -9.05
CA ILE C 69 -20.88 -13.22 -7.99
C ILE C 69 -21.13 -14.02 -6.74
N PHE C 70 -20.20 -13.93 -5.79
CA PHE C 70 -20.19 -14.70 -4.54
C PHE C 70 -20.09 -13.71 -3.44
N VAL C 71 -21.24 -13.26 -2.92
CA VAL C 71 -21.22 -12.17 -1.94
C VAL C 71 -22.33 -12.39 -0.88
N GLY C 72 -22.21 -11.72 0.26
CA GLY C 72 -23.21 -11.84 1.31
C GLY C 72 -22.59 -12.06 2.66
N ASN C 73 -21.38 -12.61 2.67
CA ASN C 73 -20.70 -12.86 3.92
C ASN C 73 -20.25 -11.59 4.61
N GLY C 74 -19.65 -10.66 3.86
CA GLY C 74 -19.24 -9.36 4.41
C GLY C 74 -20.47 -8.56 4.78
N ASP C 75 -21.53 -8.73 3.99
CA ASP C 75 -22.79 -8.03 4.23
C ASP C 75 -23.40 -8.45 5.58
N ALA C 76 -23.36 -9.73 5.89
CA ALA C 76 -23.98 -10.19 7.12
C ALA C 76 -23.23 -9.66 8.36
N ILE C 77 -21.91 -9.68 8.27
CA ILE C 77 -21.03 -9.21 9.35
C ILE C 77 -21.12 -7.69 9.55
N LYS C 78 -21.44 -6.95 8.48
CA LYS C 78 -21.59 -5.50 8.58
C LYS C 78 -23.05 -5.15 8.77
N GLU C 79 -23.85 -6.18 9.04
CA GLU C 79 -25.29 -6.03 9.27
C GLU C 79 -26.02 -5.27 8.15
N VAL C 80 -25.69 -5.56 6.91
CA VAL C 80 -26.35 -4.94 5.78
C VAL C 80 -27.76 -5.49 5.66
N PRO C 81 -28.78 -4.61 5.49
CA PRO C 81 -30.14 -5.12 5.39
C PRO C 81 -30.34 -6.00 4.15
N LEU C 82 -31.31 -6.91 4.23
CA LEU C 82 -31.64 -7.74 3.11
C LEU C 82 -31.96 -6.84 1.90
N GLU C 83 -32.79 -5.83 2.10
CA GLU C 83 -33.17 -4.98 0.98
C GLU C 83 -32.01 -4.36 0.19
N THR C 84 -30.93 -4.01 0.88
CA THR C 84 -29.75 -3.38 0.27
C THR C 84 -28.95 -4.37 -0.54
N PHE C 85 -28.86 -5.58 0.05
CA PHE C 85 -28.15 -6.69 -0.57
C PHE C 85 -28.81 -7.09 -1.89
N GLN C 86 -30.13 -7.20 -1.85
CA GLN C 86 -30.93 -7.56 -3.01
C GLN C 86 -30.72 -6.60 -4.19
N GLN C 87 -30.90 -5.31 -3.92
CA GLN C 87 -30.73 -4.28 -4.95
C GLN C 87 -29.44 -4.39 -5.74
N HIS C 88 -28.34 -4.64 -5.02
CA HIS C 88 -27.03 -4.66 -5.68
C HIS C 88 -26.76 -5.91 -6.42
N ILE C 89 -27.25 -7.02 -5.90
CA ILE C 89 -27.10 -8.29 -6.56
C ILE C 89 -27.86 -8.13 -7.87
N LYS C 90 -29.11 -7.66 -7.81
CA LYS C 90 -29.90 -7.41 -9.04
C LYS C 90 -29.21 -6.44 -10.04
N ALA C 91 -28.54 -5.40 -9.55
CA ALA C 91 -27.85 -4.47 -10.43
C ALA C 91 -26.66 -5.09 -11.11
N VAL C 93 -26.30 -8.38 -11.88
CA VAL C 93 -26.88 -9.29 -12.85
C VAL C 93 -27.38 -8.58 -14.10
N GLU C 94 -28.10 -7.50 -13.95
CA GLU C 94 -28.61 -6.72 -15.08
C GLU C 94 -27.45 -6.08 -15.83
N LYS C 95 -26.45 -5.68 -15.08
CA LYS C 95 -25.24 -5.10 -15.64
C LYS C 95 -24.49 -6.18 -16.44
N ALA C 96 -24.28 -7.35 -15.86
CA ALA C 96 -23.64 -8.41 -16.60
C ALA C 96 -24.48 -8.84 -17.83
N GLU C 97 -25.82 -8.89 -17.68
CA GLU C 97 -26.70 -9.31 -18.79
C GLU C 97 -26.76 -8.24 -19.90
N SER C 98 -26.70 -6.97 -19.55
CA SER C 98 -26.67 -5.96 -20.59
C SER C 98 -25.37 -6.03 -21.44
N ASN C 99 -24.27 -6.52 -20.85
CA ASN C 99 -22.98 -6.70 -21.54
C ASN C 99 -22.71 -8.11 -22.07
N HIS C 100 -23.73 -8.95 -22.09
CA HIS C 100 -23.60 -10.27 -22.64
C HIS C 100 -22.66 -11.15 -21.88
N ILE C 101 -22.70 -11.00 -20.58
CA ILE C 101 -21.93 -11.83 -19.72
C ILE C 101 -22.97 -12.60 -18.94
N ILE C 102 -22.76 -13.90 -18.86
CA ILE C 102 -23.62 -14.82 -18.14
C ILE C 102 -23.22 -14.71 -16.69
N PRO C 103 -24.15 -14.27 -15.86
CA PRO C 103 -23.88 -14.15 -14.48
C PRO C 103 -24.09 -15.48 -13.74
N ILE C 104 -23.32 -15.73 -12.71
CA ILE C 104 -23.50 -17.00 -11.94
C ILE C 104 -23.50 -16.59 -10.48
N LEU C 105 -24.49 -17.01 -9.75
CA LEU C 105 -24.60 -16.59 -8.35
C LEU C 105 -24.14 -17.64 -7.37
N ALA C 106 -23.13 -17.28 -6.58
CA ALA C 106 -22.66 -18.17 -5.50
C ALA C 106 -23.26 -17.71 -4.19
N LEU C 107 -23.95 -18.62 -3.51
CA LEU C 107 -24.62 -18.21 -2.31
C LEU C 107 -23.63 -17.93 -1.16
N PRO C 108 -23.94 -16.96 -0.29
CA PRO C 108 -23.09 -16.73 0.86
C PRO C 108 -23.11 -17.96 1.78
N LEU C 109 -22.00 -18.21 2.46
CA LEU C 109 -21.83 -19.38 3.31
C LEU C 109 -22.28 -19.19 4.75
N PRO C 110 -22.73 -20.27 5.36
CA PRO C 110 -23.06 -20.26 6.76
C PRO C 110 -21.88 -19.67 7.50
N TYR C 111 -22.15 -18.91 8.56
CA TYR C 111 -21.10 -18.24 9.30
C TYR C 111 -21.59 -18.07 10.75
N THR C 112 -20.80 -18.55 11.72
CA THR C 112 -21.24 -18.45 13.10
C THR C 112 -21.45 -17.01 13.55
N GLY C 113 -22.51 -16.77 14.30
CA GLY C 113 -22.80 -15.45 14.79
C GLY C 113 -23.78 -14.74 13.89
N VAL C 114 -23.82 -15.11 12.61
CA VAL C 114 -24.78 -14.48 11.70
C VAL C 114 -25.54 -15.47 10.85
N GLN C 115 -25.84 -16.63 11.42
CA GLN C 115 -26.53 -17.68 10.67
C GLN C 115 -27.89 -17.26 10.13
N ASN C 116 -28.63 -16.50 10.93
CA ASN C 116 -29.95 -15.97 10.58
C ASN C 116 -29.87 -15.06 9.39
N THR C 117 -28.95 -14.12 9.45
CA THR C 117 -28.78 -13.17 8.38
C THR C 117 -28.44 -13.89 7.07
N ILE C 118 -27.44 -14.76 7.11
CA ILE C 118 -27.04 -15.54 5.93
C ILE C 118 -28.18 -16.39 5.36
N LYS C 119 -28.88 -17.12 6.21
CA LYS C 119 -29.99 -17.94 5.80
C LYS C 119 -31.00 -17.09 5.02
N GLU C 120 -31.34 -15.94 5.56
CA GLU C 120 -32.29 -15.01 4.93
C GLU C 120 -31.80 -14.53 3.52
N PHE C 121 -30.47 -14.36 3.32
CA PHE C 121 -29.91 -13.95 2.01
C PHE C 121 -29.92 -15.09 1.03
N ARG C 122 -29.47 -16.24 1.50
CA ARG C 122 -29.43 -17.45 0.71
C ARG C 122 -30.80 -17.80 0.22
N GLU C 123 -31.80 -17.70 1.08
CA GLU C 123 -33.15 -18.04 0.66
C GLU C 123 -33.65 -17.12 -0.42
N TRP C 124 -33.45 -15.84 -0.24
CA TRP C 124 -33.91 -14.92 -1.25
C TRP C 124 -33.12 -15.08 -2.54
N GLU C 125 -31.80 -15.13 -2.42
CA GLU C 125 -30.97 -15.27 -3.61
C GLU C 125 -31.30 -16.56 -4.36
N SER C 126 -31.59 -17.66 -3.65
CA SER C 126 -31.94 -18.91 -4.36
C SER C 126 -33.20 -18.72 -5.20
N SER C 127 -34.22 -18.16 -4.61
CA SER C 127 -35.48 -17.96 -5.33
C SER C 127 -35.31 -16.97 -6.49
N TYR C 128 -34.48 -15.97 -6.28
CA TYR C 128 -34.21 -15.02 -7.33
C TYR C 128 -33.50 -15.69 -8.54
N ALA C 129 -32.53 -16.56 -8.27
CA ALA C 129 -31.82 -17.25 -9.33
C ALA C 129 -32.74 -18.25 -10.01
N LYS C 130 -33.63 -18.83 -9.24
CA LYS C 130 -34.59 -19.79 -9.79
C LYS C 130 -35.52 -19.10 -10.79
N GLU C 131 -36.00 -17.96 -10.34
CA GLU C 131 -36.92 -17.17 -11.11
C GLU C 131 -36.26 -16.66 -12.39
N LYS C 132 -35.01 -16.22 -12.27
CA LYS C 132 -34.24 -15.68 -13.39
C LYS C 132 -33.51 -16.74 -14.21
N ASN C 133 -33.58 -17.99 -13.78
CA ASN C 133 -32.89 -19.11 -14.44
C ASN C 133 -31.37 -18.89 -14.53
N ILE C 134 -30.77 -18.43 -13.46
CA ILE C 134 -29.34 -18.17 -13.38
C ILE C 134 -28.70 -19.33 -12.65
N LEU C 135 -27.57 -19.80 -13.11
CA LEU C 135 -26.93 -20.94 -12.49
C LEU C 135 -26.55 -20.57 -11.05
N VAL C 136 -26.78 -21.51 -10.12
CA VAL C 136 -26.44 -21.25 -8.74
C VAL C 136 -25.36 -22.17 -8.25
N LEU C 137 -24.40 -21.61 -7.53
CA LEU C 137 -23.29 -22.36 -6.95
C LEU C 137 -23.47 -22.39 -5.46
N ASP C 138 -23.54 -23.61 -4.90
CA ASP C 138 -23.73 -23.80 -3.45
C ASP C 138 -22.50 -24.53 -2.84
N PHE C 139 -21.44 -23.77 -2.57
CA PHE C 139 -20.17 -24.33 -2.02
C PHE C 139 -20.34 -25.06 -0.66
N ALA C 140 -21.41 -24.75 0.07
CA ALA C 140 -21.68 -25.41 1.33
C ALA C 140 -21.86 -26.93 1.14
N THR C 141 -22.24 -27.35 -0.06
CA THR C 141 -22.47 -28.78 -0.32
C THR C 141 -21.21 -29.58 -0.35
N VAL C 142 -20.06 -28.93 -0.43
CA VAL C 142 -18.81 -29.66 -0.42
C VAL C 142 -17.95 -29.33 0.78
N LEU C 143 -18.26 -28.20 1.44
CA LEU C 143 -17.53 -27.77 2.62
C LEU C 143 -18.14 -28.23 3.94
N ASP C 145 -21.49 -30.14 6.48
CA ASP C 145 -22.44 -31.21 6.71
C ASP C 145 -23.78 -30.55 6.80
N ALA C 146 -24.82 -31.33 7.13
CA ALA C 146 -26.17 -30.78 7.20
C ALA C 146 -26.39 -29.78 8.33
N ASP C 147 -25.47 -29.72 9.29
CA ASP C 147 -25.57 -28.77 10.39
C ASP C 147 -24.60 -27.62 10.14
N ASN C 148 -24.17 -27.44 8.88
CA ASN C 148 -23.24 -26.36 8.55
C ASN C 148 -21.92 -26.35 9.35
N VAL C 149 -21.41 -27.55 9.61
CA VAL C 149 -20.12 -27.73 10.28
C VAL C 149 -19.19 -28.20 9.15
N TYR C 150 -18.02 -27.59 9.04
CA TYR C 150 -17.05 -27.95 8.01
C TYR C 150 -16.63 -29.40 8.21
N LEU C 151 -16.40 -30.12 7.12
CA LEU C 151 -15.95 -31.51 7.19
C LEU C 151 -14.48 -31.53 7.54
N GLU C 152 -14.04 -32.65 8.10
CA GLU C 152 -12.65 -32.83 8.50
C GLU C 152 -11.70 -32.40 7.37
N GLY C 153 -10.71 -31.58 7.75
CA GLY C 153 -9.69 -31.07 6.85
C GLY C 153 -10.07 -29.87 5.96
N LEU C 154 -11.30 -29.36 6.10
CA LEU C 154 -11.74 -28.29 5.20
C LEU C 154 -11.87 -26.97 5.91
N LEU C 155 -11.53 -26.96 7.17
CA LEU C 155 -11.58 -25.74 7.94
C LEU C 155 -10.12 -25.28 8.15
N SER C 156 -9.89 -23.98 7.98
CA SER C 156 -8.61 -23.38 8.20
C SER C 156 -8.37 -23.32 9.68
N LYS C 157 -7.24 -22.74 10.08
CA LYS C 157 -6.95 -22.50 11.50
C LYS C 157 -7.71 -21.29 12.04
N GLU C 158 -8.64 -20.76 11.25
CA GLU C 158 -9.49 -19.65 11.66
C GLU C 158 -10.92 -20.08 11.42
N ALA C 159 -11.71 -20.06 12.49
CA ALA C 159 -13.11 -20.40 12.47
C ALA C 159 -13.82 -19.66 11.34
N ASN C 160 -14.69 -20.40 10.64
CA ASN C 160 -15.52 -19.89 9.56
C ASN C 160 -14.88 -19.66 8.22
N TYR C 161 -13.64 -20.08 8.05
CA TYR C 161 -12.95 -19.93 6.79
C TYR C 161 -12.34 -21.27 6.34
N PRO C 162 -12.49 -21.61 5.06
CA PRO C 162 -11.94 -22.82 4.46
C PRO C 162 -10.45 -22.93 4.50
N SER C 163 -9.96 -24.16 4.45
CA SER C 163 -8.52 -24.39 4.38
C SER C 163 -8.17 -24.51 2.90
N LYS C 164 -6.90 -24.61 2.59
CA LYS C 164 -6.48 -24.83 1.23
C LYS C 164 -7.20 -26.07 0.66
N GLU C 165 -7.42 -27.10 1.47
CA GLU C 165 -8.15 -28.26 0.95
C GLU C 165 -9.62 -27.88 0.75
N GLY C 166 -10.12 -26.98 1.58
CA GLY C 166 -11.50 -26.55 1.39
C GLY C 166 -11.68 -25.79 0.07
N TYR C 167 -10.77 -24.88 -0.17
CA TYR C 167 -10.80 -24.10 -1.37
C TYR C 167 -10.59 -24.97 -2.57
N LYS C 168 -9.82 -26.03 -2.41
CA LYS C 168 -9.56 -26.92 -3.54
C LYS C 168 -10.85 -27.63 -3.91
N LEU C 169 -11.59 -28.14 -2.91
CA LEU C 169 -12.86 -28.82 -3.17
C LEU C 169 -13.92 -27.91 -3.74
N GLY C 171 -13.26 -25.23 -5.69
CA GLY C 171 -12.92 -25.00 -7.09
C GLY C 171 -13.25 -26.20 -7.95
N GLU C 172 -13.10 -27.41 -7.40
CA GLU C 172 -13.40 -28.57 -8.19
C GLU C 172 -14.90 -28.72 -8.41
N TYR C 173 -15.67 -28.40 -7.38
CA TYR C 173 -17.12 -28.38 -7.49
C TYR C 173 -17.54 -27.41 -8.56
N ALA C 174 -16.97 -26.22 -8.46
CA ALA C 174 -17.33 -25.16 -9.39
C ALA C 174 -16.91 -25.58 -10.78
N SER C 175 -15.78 -26.24 -10.90
CA SER C 175 -15.40 -26.68 -12.21
C SER C 175 -16.43 -27.65 -12.76
N ARG C 176 -17.02 -28.47 -11.90
CA ARG C 176 -18.00 -29.42 -12.39
C ARG C 176 -19.30 -28.76 -12.81
N VAL C 177 -19.78 -27.77 -12.06
CA VAL C 177 -21.05 -27.09 -12.32
C VAL C 177 -20.93 -26.19 -13.54
N LEU C 178 -19.85 -25.45 -13.66
CA LEU C 178 -19.61 -24.70 -14.90
C LEU C 178 -19.15 -25.72 -15.95
#